data_4XUZ
#
_entry.id   4XUZ
#
_cell.length_a   44.840
_cell.length_b   45.810
_cell.length_c   116.850
_cell.angle_alpha   90.00
_cell.angle_beta   90.00
_cell.angle_gamma   90.00
#
_symmetry.space_group_name_H-M   'P 21 21 21'
#
loop_
_entity.id
_entity.type
_entity.pdbx_description
1 polymer Beta-lactamase
2 non-polymer 'CHLORIDE ION'
3 non-polymer 'CITRIC ACID'
4 non-polymer 1,2-ETHANEDIOL
5 non-polymer Vaborbactam
6 water water
#
_entity_poly.entity_id   1
_entity_poly.type   'polypeptide(L)'
_entity_poly.pdbx_seq_one_letter_code
;GSQTADVQQKLAELERQSGGRLGVALINTADNSQILYRADERFAMCSTSKVMAAAAVLKKSESEPNLLNQRVEIKKSDLV
NYNPIAEKHVNGTMSLAELSAAALQYSDNVAMNKLIAHVGGPASVTAFARQLGDETFRLDRTEPTLNTAIPGDPRDTTSP
RAMAQTLRNLTLGKALGDSQRAQLVTWMKGNTTGAASIQAGLPASWVVGDKTGSGGYGTTNDIAVIWPKDRAPLILVTYF
TQPQPKAESRRDVLASAAKIVTDGL
;
_entity_poly.pdbx_strand_id   A
#
# COMPACT_ATOMS: atom_id res chain seq x y z
N THR A 4 -21.72 -6.39 12.75
CA THR A 4 -21.20 -7.55 11.95
C THR A 4 -21.96 -7.67 10.61
N ALA A 5 -23.22 -8.07 10.67
CA ALA A 5 -24.08 -8.04 9.49
C ALA A 5 -24.48 -6.60 9.15
N ASP A 6 -24.58 -5.76 10.19
CA ASP A 6 -24.78 -4.32 10.01
C ASP A 6 -23.64 -3.72 9.19
N VAL A 7 -22.41 -4.07 9.56
CA VAL A 7 -21.24 -3.54 8.86
C VAL A 7 -21.22 -3.99 7.40
N GLN A 8 -21.58 -5.27 7.17
CA GLN A 8 -21.67 -5.83 5.82
C GLN A 8 -22.67 -5.06 4.97
N GLN A 9 -23.82 -4.78 5.54
CA GLN A 9 -24.87 -4.06 4.84
C GLN A 9 -24.42 -2.63 4.52
N LYS A 10 -23.77 -1.97 5.47
CA LYS A 10 -23.30 -0.62 5.27
C LYS A 10 -22.20 -0.56 4.16
N LEU A 11 -21.30 -1.54 4.15
CA LEU A 11 -20.30 -1.61 3.09
C LEU A 11 -20.94 -1.88 1.72
N ALA A 12 -21.93 -2.76 1.69
CA ALA A 12 -22.66 -3.05 0.45
C ALA A 12 -23.39 -1.80 -0.08
N GLU A 13 -23.98 -1.03 0.82
CA GLU A 13 -24.66 0.21 0.45
C GLU A 13 -23.66 1.27 -0.08
N LEU A 14 -22.52 1.40 0.59
CA LEU A 14 -21.45 2.29 0.13
C LEU A 14 -20.98 1.89 -1.27
N GLU A 15 -20.75 0.59 -1.46
CA GLU A 15 -20.29 0.10 -2.75
C GLU A 15 -21.31 0.45 -3.84
N ARG A 16 -22.60 0.22 -3.57
CA ARG A 16 -23.63 0.50 -4.58
C ARG A 16 -23.66 1.97 -4.92
N GLN A 17 -23.69 2.82 -3.90
CA GLN A 17 -23.71 4.24 -4.11
C GLN A 17 -22.51 4.69 -4.93
N SER A 18 -21.36 4.05 -4.71
CA SER A 18 -20.13 4.45 -5.35
C SER A 18 -20.10 4.07 -6.83
N GLY A 19 -20.84 3.02 -7.19
CA GLY A 19 -20.87 2.52 -8.56
C GLY A 19 -19.74 1.56 -8.93
N GLY A 20 -18.80 1.33 -8.00
CA GLY A 20 -17.63 0.52 -8.29
C GLY A 20 -17.58 -0.77 -7.49
N ARG A 21 -16.36 -1.27 -7.30
CA ARG A 21 -16.14 -2.52 -6.63
C ARG A 21 -15.18 -2.28 -5.48
N LEU A 22 -15.65 -2.61 -4.27
CA LEU A 22 -14.98 -2.28 -3.04
C LEU A 22 -14.46 -3.54 -2.37
N GLY A 23 -13.21 -3.49 -1.90
CA GLY A 23 -12.60 -4.59 -1.16
C GLY A 23 -12.05 -4.10 0.16
N VAL A 24 -12.41 -4.77 1.25
CA VAL A 24 -12.01 -4.35 2.58
C VAL A 24 -11.55 -5.56 3.37
N ALA A 25 -10.42 -5.41 4.06
CA ALA A 25 -10.04 -6.33 5.09
C ALA A 25 -9.51 -5.56 6.29
N LEU A 26 -10.17 -5.72 7.43
CA LEU A 26 -9.70 -5.19 8.71
C LEU A 26 -9.29 -6.32 9.60
N ILE A 27 -8.08 -6.22 10.17
CA ILE A 27 -7.64 -7.13 11.24
C ILE A 27 -7.53 -6.33 12.51
N ASN A 28 -8.25 -6.76 13.55
CA ASN A 28 -8.21 -6.10 14.84
C ASN A 28 -7.39 -6.92 15.80
N THR A 29 -6.19 -6.45 16.11
CA THR A 29 -5.29 -7.25 16.95
C THR A 29 -5.70 -7.27 18.43
N ALA A 30 -6.73 -6.50 18.78
CA ALA A 30 -7.33 -6.59 20.14
C ALA A 30 -7.86 -7.99 20.41
N ASP A 31 -8.58 -8.55 19.46
CA ASP A 31 -9.30 -9.80 19.68
C ASP A 31 -9.14 -10.79 18.52
N ASN A 32 -8.23 -10.49 17.59
CA ASN A 32 -7.94 -11.36 16.45
C ASN A 32 -9.14 -11.52 15.53
N SER A 33 -10.01 -10.53 15.53
CA SER A 33 -11.18 -10.55 14.67
C SER A 33 -10.87 -9.88 13.33
N GLN A 34 -11.72 -10.16 12.34
CA GLN A 34 -11.63 -9.53 11.04
C GLN A 34 -12.98 -9.01 10.59
N ILE A 35 -12.94 -7.99 9.75
CA ILE A 35 -14.07 -7.62 8.91
C ILE A 35 -13.64 -7.68 7.47
N LEU A 36 -14.40 -8.44 6.67
CA LEU A 36 -14.01 -8.80 5.31
C LEU A 36 -15.14 -8.49 4.34
N TYR A 37 -14.80 -7.84 3.23
CA TYR A 37 -15.77 -7.54 2.18
C TYR A 37 -15.04 -7.69 0.84
N ARG A 38 -15.46 -8.67 0.02
CA ARG A 38 -14.75 -9.05 -1.20
C ARG A 38 -13.27 -9.28 -0.92
N ALA A 39 -12.97 -9.86 0.25
CA ALA A 39 -11.60 -9.88 0.71
C ALA A 39 -10.76 -10.93 0.00
N ASP A 40 -11.39 -11.81 -0.76
CA ASP A 40 -10.67 -12.80 -1.53
C ASP A 40 -10.69 -12.52 -3.04
N GLU A 41 -11.29 -11.41 -3.42
CA GLU A 41 -11.23 -10.96 -4.84
C GLU A 41 -9.92 -10.22 -5.10
N ARG A 42 -9.48 -10.25 -6.35
CA ARG A 42 -8.28 -9.55 -6.74
C ARG A 42 -8.59 -8.12 -7.13
N PHE A 43 -7.65 -7.25 -6.77
CA PHE A 43 -7.69 -5.83 -7.13
C PHE A 43 -6.27 -5.40 -7.53
N ALA A 44 -6.18 -4.51 -8.50
CA ALA A 44 -4.90 -3.89 -8.87
C ALA A 44 -4.38 -3.11 -7.68
N MET A 45 -3.18 -3.45 -7.22
CA MET A 45 -2.59 -2.80 -6.05
C MET A 45 -2.24 -1.35 -6.31
N CYS A 46 -1.80 -1.08 -7.54
CA CYS A 46 -1.25 0.22 -7.89
C CYS A 46 -0.17 0.59 -6.86
N SER A 47 -0.09 1.87 -6.47
CA SER A 47 1.04 2.34 -5.67
C SER A 47 1.10 1.74 -4.25
N THR A 48 0.07 1.01 -3.82
CA THR A 48 0.18 0.29 -2.55
C THR A 48 1.23 -0.81 -2.59
N SER A 49 1.59 -1.25 -3.79
CA SER A 49 2.66 -2.24 -3.97
C SER A 49 4.04 -1.71 -3.52
N LYS A 50 4.16 -0.38 -3.40
CA LYS A 50 5.44 0.21 -2.98
C LYS A 50 5.89 -0.25 -1.59
N VAL A 51 4.93 -0.64 -0.72
CA VAL A 51 5.26 -1.19 0.57
C VAL A 51 6.07 -2.49 0.44
N MET A 52 5.66 -3.37 -0.48
CA MET A 52 6.36 -4.67 -0.65
CA MET A 52 6.35 -4.64 -0.65
C MET A 52 7.73 -4.46 -1.26
N ALA A 53 7.86 -3.51 -2.19
CA ALA A 53 9.16 -3.22 -2.77
C ALA A 53 10.13 -2.63 -1.71
N ALA A 54 9.66 -1.69 -0.89
CA ALA A 54 10.50 -1.15 0.18
C ALA A 54 10.84 -2.24 1.19
N ALA A 55 9.87 -3.09 1.53
CA ALA A 55 10.10 -4.18 2.48
C ALA A 55 11.15 -5.17 1.96
N ALA A 56 11.14 -5.39 0.65
CA ALA A 56 12.13 -6.30 0.05
C ALA A 56 13.53 -5.74 0.17
N VAL A 57 13.68 -4.44 0.00
CA VAL A 57 14.98 -3.78 0.20
C VAL A 57 15.39 -3.83 1.68
N LEU A 58 14.45 -3.58 2.58
CA LEU A 58 14.74 -3.72 4.02
C LEU A 58 15.20 -5.14 4.37
N LYS A 59 14.52 -6.13 3.83
CA LYS A 59 14.91 -7.52 4.06
C LYS A 59 16.35 -7.78 3.58
N LYS A 60 16.64 -7.32 2.36
CA LYS A 60 17.97 -7.47 1.78
C LYS A 60 19.02 -6.81 2.67
N SER A 61 18.66 -5.68 3.29
CA SER A 61 19.60 -4.96 4.15
C SER A 61 19.96 -5.71 5.42
N GLU A 62 19.18 -6.72 5.79
CA GLU A 62 19.47 -7.49 6.99
C GLU A 62 20.76 -8.27 6.87
N SER A 63 21.14 -8.61 5.64
CA SER A 63 22.40 -9.33 5.41
C SER A 63 23.45 -8.45 4.73
N GLU A 64 23.08 -7.19 4.49
CA GLU A 64 23.99 -6.18 3.91
C GLU A 64 23.82 -4.89 4.67
N PRO A 65 24.48 -4.77 5.80
CA PRO A 65 24.14 -3.72 6.75
C PRO A 65 24.33 -2.29 6.20
N ASN A 66 25.17 -2.10 5.16
CA ASN A 66 25.34 -0.76 4.58
C ASN A 66 24.50 -0.53 3.30
N LEU A 67 23.54 -1.39 3.05
CA LEU A 67 22.75 -1.30 1.82
C LEU A 67 21.97 0.02 1.68
N LEU A 68 21.35 0.47 2.76
CA LEU A 68 20.48 1.63 2.67
C LEU A 68 21.27 2.94 2.34
N ASN A 69 22.57 2.91 2.59
CA ASN A 69 23.44 4.04 2.25
C ASN A 69 23.92 4.01 0.81
N GLN A 70 23.67 2.91 0.10
CA GLN A 70 24.18 2.75 -1.29
C GLN A 70 23.57 3.83 -2.19
N ARG A 71 24.42 4.43 -3.04
CA ARG A 71 24.01 5.55 -3.90
C ARG A 71 23.49 5.02 -5.23
N VAL A 72 22.42 5.65 -5.71
CA VAL A 72 21.80 5.29 -6.97
C VAL A 72 21.67 6.52 -7.84
N GLU A 73 22.22 6.46 -9.06
CA GLU A 73 22.14 7.61 -9.98
C GLU A 73 20.72 7.82 -10.46
N ILE A 74 20.31 9.09 -10.49
CA ILE A 74 19.04 9.50 -11.08
C ILE A 74 19.35 10.31 -12.34
N LYS A 75 18.84 9.86 -13.48
CA LYS A 75 19.07 10.51 -14.77
C LYS A 75 17.77 10.83 -15.44
N LYS A 76 17.83 11.64 -16.47
CA LYS A 76 16.60 11.98 -17.21
C LYS A 76 15.92 10.72 -17.73
N SER A 77 16.72 9.74 -18.13
CA SER A 77 16.20 8.47 -18.66
C SER A 77 15.40 7.70 -17.62
N ASP A 78 15.56 8.03 -16.33
CA ASP A 78 14.81 7.36 -15.25
C ASP A 78 13.43 7.95 -15.03
N LEU A 79 13.19 9.16 -15.49
CA LEU A 79 11.94 9.82 -15.19
C LEU A 79 10.80 9.07 -15.83
N VAL A 80 9.69 9.00 -15.12
CA VAL A 80 8.47 8.41 -15.66
C VAL A 80 7.33 9.42 -15.53
N ASN A 81 6.13 8.98 -15.14
CA ASN A 81 4.93 9.86 -15.18
C ASN A 81 4.71 10.66 -13.92
N TYR A 82 5.33 10.25 -12.83
CA TYR A 82 5.08 10.84 -11.54
C TYR A 82 6.36 10.78 -10.70
N ASN A 83 7.05 11.91 -10.65
CA ASN A 83 8.42 11.99 -10.16
C ASN A 83 8.60 13.14 -9.15
N PRO A 84 7.70 13.26 -8.18
CA PRO A 84 7.70 14.43 -7.31
C PRO A 84 9.02 14.66 -6.56
N ILE A 85 9.69 13.60 -6.18
CA ILE A 85 11.00 13.72 -5.52
C ILE A 85 12.15 13.56 -6.54
N ALA A 86 12.08 12.53 -7.36
CA ALA A 86 13.17 12.22 -8.25
C ALA A 86 13.52 13.37 -9.19
N GLU A 87 12.52 14.16 -9.61
CA GLU A 87 12.78 15.24 -10.57
C GLU A 87 13.72 16.29 -9.96
N LYS A 88 13.76 16.32 -8.61
CA LYS A 88 14.65 17.26 -7.89
C LYS A 88 16.10 16.76 -7.80
N HIS A 89 16.32 15.50 -8.19
CA HIS A 89 17.63 14.85 -8.00
C HIS A 89 18.26 14.37 -9.28
N VAL A 90 17.73 14.80 -10.41
CA VAL A 90 18.29 14.41 -11.70
C VAL A 90 19.73 14.88 -11.83
N ASN A 91 20.59 13.99 -12.30
CA ASN A 91 22.04 14.18 -12.43
C ASN A 91 22.80 14.13 -11.12
N GLY A 92 22.11 13.72 -10.05
CA GLY A 92 22.78 13.37 -8.78
C GLY A 92 22.45 11.94 -8.41
N THR A 93 22.79 11.56 -7.17
CA THR A 93 22.39 10.27 -6.64
C THR A 93 21.47 10.44 -5.46
N MET A 94 20.72 9.37 -5.18
CA MET A 94 19.94 9.24 -3.97
C MET A 94 20.33 7.92 -3.33
N SER A 95 20.33 7.86 -2.01
CA SER A 95 20.55 6.57 -1.34
C SER A 95 19.33 5.70 -1.44
N LEU A 96 19.50 4.40 -1.23
CA LEU A 96 18.37 3.49 -1.20
C LEU A 96 17.37 3.86 -0.06
N ALA A 97 17.88 4.37 1.07
CA ALA A 97 16.99 4.89 2.13
C ALA A 97 16.13 6.04 1.62
N GLU A 98 16.77 7.00 0.96
CA GLU A 98 16.05 8.13 0.39
C GLU A 98 15.02 7.70 -0.65
N LEU A 99 15.37 6.72 -1.47
CA LEU A 99 14.46 6.21 -2.47
C LEU A 99 13.28 5.50 -1.82
N SER A 100 13.55 4.75 -0.76
CA SER A 100 12.48 4.08 -0.03
C SER A 100 11.51 5.11 0.55
N ALA A 101 12.07 6.15 1.18
CA ALA A 101 11.24 7.20 1.77
C ALA A 101 10.42 7.92 0.68
N ALA A 102 11.04 8.20 -0.46
CA ALA A 102 10.36 8.90 -1.54
C ALA A 102 9.19 8.04 -2.10
N ALA A 103 9.44 6.76 -2.27
CA ALA A 103 8.40 5.83 -2.73
C ALA A 103 7.24 5.78 -1.74
N LEU A 104 7.56 5.64 -0.46
CA LEU A 104 6.54 5.40 0.56
C LEU A 104 5.79 6.66 0.97
N GLN A 105 6.50 7.80 1.03
CA GLN A 105 5.95 9.01 1.63
C GLN A 105 5.45 10.01 0.60
N TYR A 106 5.95 9.90 -0.63
CA TYR A 106 5.51 10.79 -1.73
C TYR A 106 4.99 10.01 -2.93
N SER A 107 5.05 8.67 -2.85
CA SER A 107 4.54 7.81 -3.92
C SER A 107 5.29 8.03 -5.22
N ASP A 108 6.58 8.33 -5.11
CA ASP A 108 7.41 8.61 -6.28
C ASP A 108 7.62 7.32 -7.11
N ASN A 109 7.31 7.40 -8.41
CA ASN A 109 7.40 6.24 -9.28
C ASN A 109 8.81 5.89 -9.72
N VAL A 110 9.68 6.88 -9.87
CA VAL A 110 11.08 6.58 -10.15
C VAL A 110 11.69 5.84 -8.98
N ALA A 111 11.40 6.30 -7.75
CA ALA A 111 11.90 5.66 -6.56
C ALA A 111 11.48 4.20 -6.53
N MET A 112 10.22 3.95 -6.81
CA MET A 112 9.72 2.57 -6.89
C MET A 112 10.50 1.75 -7.92
N ASN A 113 10.72 2.31 -9.10
CA ASN A 113 11.50 1.58 -10.12
C ASN A 113 12.90 1.23 -9.66
N LYS A 114 13.53 2.14 -8.91
CA LYS A 114 14.88 1.87 -8.40
C LYS A 114 14.88 0.79 -7.32
N LEU A 115 13.85 0.77 -6.47
CA LEU A 115 13.70 -0.32 -5.49
C LEU A 115 13.51 -1.67 -6.20
N ILE A 116 12.61 -1.68 -7.16
CA ILE A 116 12.33 -2.91 -7.96
C ILE A 116 13.60 -3.42 -8.64
N ALA A 117 14.31 -2.53 -9.31
CA ALA A 117 15.51 -2.92 -10.01
C ALA A 117 16.54 -3.46 -9.05
N HIS A 118 16.71 -2.81 -7.92
CA HIS A 118 17.75 -3.19 -7.03
C HIS A 118 17.60 -4.62 -6.59
N VAL A 119 16.37 -5.04 -6.27
CA VAL A 119 16.15 -6.36 -5.65
C VAL A 119 15.98 -7.45 -6.69
N GLY A 120 15.98 -7.07 -7.97
CA GLY A 120 16.02 -8.03 -9.09
C GLY A 120 14.77 -8.07 -9.96
N GLY A 121 13.89 -7.10 -9.79
CA GLY A 121 12.74 -6.95 -10.65
C GLY A 121 11.45 -7.43 -10.03
N PRO A 122 10.35 -7.28 -10.74
CA PRO A 122 9.05 -7.61 -10.17
C PRO A 122 8.94 -9.06 -9.72
N ALA A 123 9.56 -9.97 -10.42
CA ALA A 123 9.51 -11.40 -10.02
C ALA A 123 10.25 -11.64 -8.70
N SER A 124 11.27 -10.81 -8.42
CA SER A 124 11.98 -10.91 -7.15
C SER A 124 11.16 -10.37 -6.01
N VAL A 125 10.47 -9.26 -6.22
CA VAL A 125 9.55 -8.75 -5.18
C VAL A 125 8.46 -9.79 -4.90
N THR A 126 7.94 -10.43 -5.94
CA THR A 126 6.94 -11.48 -5.79
C THR A 126 7.50 -12.69 -5.02
N ALA A 127 8.75 -13.09 -5.33
CA ALA A 127 9.36 -14.22 -4.63
C ALA A 127 9.56 -13.91 -3.15
N PHE A 128 9.86 -12.66 -2.85
CA PHE A 128 9.92 -12.21 -1.45
C PHE A 128 8.56 -12.36 -0.75
N ALA A 129 7.49 -11.97 -1.43
CA ALA A 129 6.16 -12.16 -0.90
C ALA A 129 5.92 -13.64 -0.58
N ARG A 130 6.30 -14.52 -1.49
CA ARG A 130 6.13 -15.95 -1.26
C ARG A 130 6.90 -16.41 -0.02
N GLN A 131 8.13 -15.93 0.12
CA GLN A 131 8.98 -16.31 1.26
C GLN A 131 8.31 -15.93 2.61
N LEU A 132 7.52 -14.85 2.60
CA LEU A 132 6.77 -14.42 3.79
C LEU A 132 5.55 -15.27 4.05
N GLY A 133 5.11 -16.05 3.06
CA GLY A 133 3.88 -16.82 3.16
C GLY A 133 2.68 -16.22 2.47
N ASP A 134 2.92 -15.21 1.64
CA ASP A 134 1.87 -14.57 0.85
C ASP A 134 1.89 -15.16 -0.55
N GLU A 135 0.90 -15.98 -0.84
CA GLU A 135 0.87 -16.72 -2.08
C GLU A 135 -0.18 -16.12 -3.05
N THR A 136 -0.61 -14.89 -2.74
CA THR A 136 -1.63 -14.19 -3.53
C THR A 136 -1.03 -12.97 -4.27
N PHE A 137 -0.19 -12.22 -3.59
CA PHE A 137 0.50 -11.07 -4.15
C PHE A 137 1.19 -11.41 -5.46
N ARG A 138 1.00 -10.58 -6.48
CA ARG A 138 1.88 -10.64 -7.66
C ARG A 138 2.19 -9.28 -8.17
N LEU A 139 3.49 -9.00 -8.30
CA LEU A 139 3.94 -7.80 -8.99
C LEU A 139 4.53 -8.26 -10.30
N ASP A 140 3.92 -7.83 -11.39
CA ASP A 140 4.23 -8.29 -12.75
C ASP A 140 5.10 -7.28 -13.49
N ARG A 141 4.81 -5.99 -13.29
CA ARG A 141 5.37 -4.91 -14.13
C ARG A 141 6.06 -3.85 -13.30
N THR A 142 6.77 -2.96 -13.99
CA THR A 142 7.39 -1.79 -13.39
C THR A 142 6.45 -0.55 -13.51
N GLU A 143 6.91 0.60 -13.01
CA GLU A 143 6.21 1.84 -13.22
C GLU A 143 6.52 2.40 -14.61
N PRO A 144 5.50 2.95 -15.29
CA PRO A 144 4.16 3.26 -14.80
C PRO A 144 3.12 2.18 -15.12
N THR A 145 3.49 1.17 -15.90
CA THR A 145 2.46 0.28 -16.49
C THR A 145 1.76 -0.61 -15.45
N LEU A 146 2.36 -0.80 -14.29
CA LEU A 146 1.73 -1.70 -13.28
C LEU A 146 0.38 -1.16 -12.76
N ASN A 147 0.05 0.10 -13.11
CA ASN A 147 -1.19 0.75 -12.61
C ASN A 147 -2.39 0.72 -13.59
N THR A 148 -2.27 0.02 -14.70
CA THR A 148 -3.34 0.07 -15.73
C THR A 148 -4.71 -0.36 -15.15
N ALA A 149 -4.69 -1.36 -14.26
CA ALA A 149 -5.90 -1.75 -13.50
C ALA A 149 -7.10 -2.11 -14.41
N ILE A 150 -6.82 -2.84 -15.47
CA ILE A 150 -7.85 -3.25 -16.39
C ILE A 150 -8.73 -4.34 -15.74
N PRO A 151 -10.07 -4.17 -15.77
CA PRO A 151 -10.92 -5.20 -15.16
C PRO A 151 -10.66 -6.58 -15.77
N GLY A 152 -10.56 -7.59 -14.91
CA GLY A 152 -10.30 -8.96 -15.34
C GLY A 152 -8.81 -9.32 -15.48
N ASP A 153 -7.95 -8.31 -15.41
CA ASP A 153 -6.49 -8.51 -15.61
C ASP A 153 -5.85 -8.82 -14.26
N PRO A 154 -5.24 -10.01 -14.12
CA PRO A 154 -4.67 -10.37 -12.82
C PRO A 154 -3.28 -9.78 -12.57
N ARG A 155 -2.70 -9.12 -13.56
CA ARG A 155 -1.36 -8.54 -13.38
C ARG A 155 -1.38 -7.53 -12.22
N ASP A 156 -0.34 -7.57 -11.36
CA ASP A 156 -0.12 -6.54 -10.35
C ASP A 156 -1.32 -6.43 -9.40
N THR A 157 -1.86 -7.58 -9.02
CA THR A 157 -3.01 -7.65 -8.13
C THR A 157 -2.69 -8.41 -6.84
N THR A 158 -3.51 -8.18 -5.84
CA THR A 158 -3.59 -9.06 -4.70
C THR A 158 -5.01 -8.97 -4.14
N SER A 159 -5.29 -9.72 -3.08
CA SER A 159 -6.61 -9.64 -2.42
C SER A 159 -6.50 -8.80 -1.17
N PRO A 160 -7.60 -8.23 -0.71
CA PRO A 160 -7.54 -7.48 0.55
C PRO A 160 -7.11 -8.34 1.74
N ARG A 161 -7.59 -9.57 1.80
CA ARG A 161 -7.20 -10.47 2.89
C ARG A 161 -5.68 -10.68 2.91
N ALA A 162 -5.13 -11.00 1.75
CA ALA A 162 -3.70 -11.26 1.66
C ALA A 162 -2.89 -10.05 2.04
N MET A 163 -3.26 -8.90 1.55
CA MET A 163 -2.47 -7.71 1.79
CA MET A 163 -2.48 -7.71 1.80
C MET A 163 -2.58 -7.26 3.25
N ALA A 164 -3.74 -7.47 3.86
CA ALA A 164 -3.88 -7.13 5.29
C ALA A 164 -3.02 -8.04 6.12
N GLN A 165 -3.06 -9.34 5.84
CA GLN A 165 -2.20 -10.28 6.58
C GLN A 165 -0.73 -9.98 6.38
N THR A 166 -0.34 -9.68 5.17
CA THR A 166 1.06 -9.35 4.89
C THR A 166 1.48 -8.04 5.53
N LEU A 167 0.65 -7.01 5.44
CA LEU A 167 0.97 -5.75 6.09
C LEU A 167 1.08 -5.91 7.61
N ARG A 168 0.21 -6.73 8.17
CA ARG A 168 0.30 -7.03 9.62
C ARG A 168 1.67 -7.65 9.94
N ASN A 169 2.08 -8.61 9.13
CA ASN A 169 3.34 -9.31 9.37
C ASN A 169 4.53 -8.30 9.28
N LEU A 170 4.51 -7.46 8.27
CA LEU A 170 5.58 -6.50 8.03
C LEU A 170 5.70 -5.42 9.15
N THR A 171 4.56 -4.88 9.58
CA THR A 171 4.55 -3.69 10.46
C THR A 171 4.44 -4.05 11.94
N LEU A 172 3.73 -5.13 12.24
CA LEU A 172 3.47 -5.54 13.66
C LEU A 172 4.05 -6.89 14.01
N GLY A 173 4.32 -7.72 13.01
CA GLY A 173 4.86 -9.06 13.22
C GLY A 173 6.36 -9.08 12.99
N LYS A 174 6.88 -10.25 12.60
CA LYS A 174 8.32 -10.52 12.64
C LYS A 174 8.90 -10.85 11.26
N ALA A 175 8.25 -10.37 10.20
CA ALA A 175 8.78 -10.54 8.83
C ALA A 175 10.16 -9.92 8.72
N LEU A 176 10.33 -8.76 9.36
CA LEU A 176 11.59 -7.97 9.27
C LEU A 176 12.26 -7.95 10.63
N GLY A 177 13.57 -7.75 10.62
CA GLY A 177 14.29 -7.52 11.86
C GLY A 177 13.79 -6.28 12.58
N ASP A 178 14.07 -6.18 13.87
CA ASP A 178 13.49 -5.10 14.67
C ASP A 178 13.82 -3.68 14.08
N SER A 179 15.08 -3.46 13.72
CA SER A 179 15.47 -2.20 13.13
C SER A 179 14.73 -1.92 11.82
N GLN A 180 14.62 -2.94 11.00
CA GLN A 180 13.99 -2.80 9.69
C GLN A 180 12.48 -2.58 9.80
N ARG A 181 11.85 -3.32 10.69
CA ARG A 181 10.42 -3.11 10.98
C ARG A 181 10.17 -1.68 11.47
N ALA A 182 11.02 -1.21 12.40
CA ALA A 182 10.88 0.12 12.92
C ALA A 182 11.02 1.15 11.80
N GLN A 183 11.93 0.91 10.88
CA GLN A 183 12.15 1.84 9.78
C GLN A 183 10.93 1.88 8.84
N LEU A 184 10.36 0.72 8.56
CA LEU A 184 9.17 0.68 7.72
C LEU A 184 8.02 1.45 8.38
N VAL A 185 7.82 1.24 9.66
CA VAL A 185 6.75 1.91 10.40
C VAL A 185 6.99 3.43 10.46
N THR A 186 8.22 3.83 10.73
CA THR A 186 8.60 5.24 10.70
C THR A 186 8.30 5.88 9.33
N TRP A 187 8.66 5.19 8.25
CA TRP A 187 8.41 5.73 6.92
C TRP A 187 6.92 5.87 6.66
N MET A 188 6.15 4.84 6.99
CA MET A 188 4.70 4.86 6.72
C MET A 188 3.95 5.92 7.56
N LYS A 189 4.39 6.10 8.83
CA LYS A 189 3.80 7.14 9.70
C LYS A 189 4.08 8.53 9.15
N GLY A 190 5.16 8.67 8.39
CA GLY A 190 5.52 9.96 7.80
C GLY A 190 4.98 10.15 6.38
N ASN A 191 4.07 9.29 5.95
CA ASN A 191 3.44 9.45 4.65
C ASN A 191 2.77 10.81 4.52
N THR A 192 2.90 11.41 3.34
CA THR A 192 2.26 12.72 3.08
C THR A 192 0.99 12.64 2.21
N THR A 193 0.69 11.46 1.67
CA THR A 193 -0.30 11.33 0.58
C THR A 193 -1.67 10.77 1.05
N GLY A 194 -1.79 10.45 2.33
CA GLY A 194 -2.91 9.62 2.80
C GLY A 194 -4.03 10.35 3.57
N ALA A 195 -3.94 11.66 3.73
CA ALA A 195 -4.82 12.37 4.66
C ALA A 195 -6.31 12.36 4.21
N ALA A 196 -6.55 12.13 2.91
CA ALA A 196 -7.92 12.12 2.38
C ALA A 196 -8.50 10.71 2.29
N SER A 197 -7.70 9.70 2.65
CA SER A 197 -8.09 8.32 2.44
C SER A 197 -8.52 7.67 3.80
N ILE A 198 -7.92 6.54 4.19
CA ILE A 198 -8.30 5.92 5.44
C ILE A 198 -8.30 6.92 6.61
N GLN A 199 -7.26 7.75 6.70
CA GLN A 199 -7.13 8.73 7.79
C GLN A 199 -8.37 9.59 7.90
N ALA A 200 -8.97 9.94 6.76
CA ALA A 200 -10.14 10.84 6.73
C ALA A 200 -11.41 10.20 7.34
N GLY A 201 -11.41 8.88 7.51
CA GLY A 201 -12.54 8.17 8.15
C GLY A 201 -12.31 7.79 9.59
N LEU A 202 -11.20 8.25 10.18
CA LEU A 202 -10.81 7.91 11.58
C LEU A 202 -10.77 9.17 12.41
N PRO A 203 -10.92 9.03 13.74
CA PRO A 203 -10.75 10.18 14.61
C PRO A 203 -9.38 10.84 14.46
N ALA A 204 -9.34 12.15 14.68
CA ALA A 204 -8.12 12.93 14.47
C ALA A 204 -6.98 12.47 15.38
N SER A 205 -7.33 11.93 16.55
CA SER A 205 -6.30 11.53 17.54
C SER A 205 -5.57 10.24 17.16
N TRP A 206 -6.12 9.45 16.25
CA TRP A 206 -5.54 8.14 15.98
C TRP A 206 -4.32 8.29 15.14
N VAL A 207 -3.34 7.41 15.34
CA VAL A 207 -2.08 7.47 14.62
C VAL A 207 -2.09 6.44 13.48
N VAL A 208 -1.70 6.88 12.30
CA VAL A 208 -1.82 6.08 11.09
C VAL A 208 -0.50 6.06 10.35
N GLY A 209 -0.09 4.87 9.91
CA GLY A 209 0.92 4.73 8.84
C GLY A 209 0.27 4.05 7.66
N ASP A 210 0.27 4.71 6.52
CA ASP A 210 -0.48 4.17 5.37
C ASP A 210 0.27 4.37 4.09
N LYS A 211 -0.14 3.61 3.07
CA LYS A 211 0.33 3.78 1.71
C LYS A 211 -0.86 3.77 0.74
N THR A 212 -0.96 4.85 -0.04
CA THR A 212 -2.05 5.04 -0.98
C THR A 212 -1.69 4.46 -2.38
N GLY A 213 -2.67 4.41 -3.25
CA GLY A 213 -2.43 4.26 -4.66
C GLY A 213 -3.59 4.74 -5.51
N SER A 214 -3.27 5.28 -6.67
CA SER A 214 -4.25 5.74 -7.67
C SER A 214 -3.87 5.11 -9.01
N GLY A 215 -4.83 4.58 -9.73
CA GLY A 215 -4.53 3.96 -10.99
C GLY A 215 -5.62 4.11 -12.01
N GLY A 216 -5.50 3.35 -13.10
CA GLY A 216 -6.49 3.34 -14.13
C GLY A 216 -7.83 2.86 -13.60
N TYR A 217 -8.87 3.09 -14.37
CA TYR A 217 -10.22 2.72 -13.97
C TYR A 217 -10.57 3.29 -12.58
N GLY A 218 -10.12 4.51 -12.33
CA GLY A 218 -10.44 5.21 -11.08
C GLY A 218 -10.07 4.41 -9.85
N THR A 219 -9.05 3.60 -9.97
CA THR A 219 -8.63 2.73 -8.87
C THR A 219 -8.02 3.55 -7.78
N THR A 220 -8.58 3.42 -6.59
CA THR A 220 -8.24 4.28 -5.47
C THR A 220 -8.06 3.38 -4.25
N ASN A 221 -6.84 3.31 -3.74
CA ASN A 221 -6.46 2.30 -2.74
C ASN A 221 -5.76 2.94 -1.54
N ASP A 222 -5.81 2.26 -0.40
CA ASP A 222 -5.01 2.64 0.76
C ASP A 222 -4.86 1.42 1.64
N ILE A 223 -3.67 1.24 2.18
CA ILE A 223 -3.41 0.20 3.16
C ILE A 223 -2.74 0.83 4.37
N ALA A 224 -3.17 0.44 5.58
CA ALA A 224 -2.77 1.16 6.82
C ALA A 224 -2.54 0.25 7.99
N VAL A 225 -1.60 0.66 8.81
CA VAL A 225 -1.52 0.23 10.21
C VAL A 225 -1.97 1.42 11.07
N ILE A 226 -2.84 1.13 12.03
CA ILE A 226 -3.56 2.16 12.79
C ILE A 226 -3.40 1.89 14.26
N TRP A 227 -3.01 2.93 15.00
CA TRP A 227 -2.98 2.88 16.46
C TRP A 227 -4.06 3.78 17.03
N PRO A 228 -5.23 3.21 17.31
CA PRO A 228 -6.29 4.02 17.92
C PRO A 228 -5.91 4.44 19.31
N LYS A 229 -6.55 5.49 19.82
CA LYS A 229 -6.28 5.96 21.16
C LYS A 229 -6.58 4.87 22.19
N ASP A 230 -5.53 4.43 22.90
CA ASP A 230 -5.65 3.45 24.01
C ASP A 230 -6.25 2.11 23.59
N ARG A 231 -5.94 1.67 22.36
CA ARG A 231 -6.38 0.37 21.86
C ARG A 231 -5.26 -0.37 21.18
N ALA A 232 -5.43 -1.66 21.04
CA ALA A 232 -4.51 -2.46 20.24
C ALA A 232 -4.58 -2.01 18.77
N PRO A 233 -3.49 -2.18 18.03
CA PRO A 233 -3.50 -1.70 16.64
C PRO A 233 -4.40 -2.47 15.71
N LEU A 234 -4.75 -1.81 14.61
CA LEU A 234 -5.52 -2.40 13.54
C LEU A 234 -4.70 -2.42 12.27
N ILE A 235 -5.04 -3.33 11.38
CA ILE A 235 -4.56 -3.31 10.01
C ILE A 235 -5.78 -3.21 9.11
N LEU A 236 -5.76 -2.25 8.16
CA LEU A 236 -6.92 -2.02 7.27
C LEU A 236 -6.47 -1.85 5.84
N VAL A 237 -7.04 -2.67 4.95
CA VAL A 237 -6.91 -2.52 3.53
C VAL A 237 -8.24 -2.12 2.94
N THR A 238 -8.23 -1.01 2.20
CA THR A 238 -9.40 -0.57 1.44
C THR A 238 -9.00 -0.38 -0.04
N TYR A 239 -9.50 -1.24 -0.89
CA TYR A 239 -9.26 -1.19 -2.30
C TYR A 239 -10.56 -0.84 -3.01
N PHE A 240 -10.46 -0.05 -4.07
CA PHE A 240 -11.65 0.39 -4.80
C PHE A 240 -11.32 0.60 -6.27
N THR A 241 -12.20 0.13 -7.13
CA THR A 241 -11.98 0.29 -8.56
C THR A 241 -13.31 0.41 -9.28
N GLN A 242 -13.28 1.04 -10.45
CA GLN A 242 -14.50 1.51 -11.09
C GLN A 242 -14.61 1.00 -12.52
N PRO A 243 -15.82 1.11 -13.12
CA PRO A 243 -16.03 0.45 -14.41
C PRO A 243 -15.47 1.21 -15.61
N GLN A 244 -15.28 2.53 -15.47
CA GLN A 244 -14.91 3.38 -16.60
C GLN A 244 -13.41 3.64 -16.62
N PRO A 245 -12.79 3.55 -17.81
CA PRO A 245 -11.34 3.72 -17.87
C PRO A 245 -10.86 5.04 -17.29
N LYS A 246 -11.62 6.11 -17.53
CA LYS A 246 -11.23 7.45 -17.10
C LYS A 246 -11.99 7.91 -15.86
N ALA A 247 -12.51 6.96 -15.07
CA ALA A 247 -13.16 7.31 -13.81
C ALA A 247 -12.24 8.16 -12.94
N GLU A 248 -12.82 9.09 -12.21
CA GLU A 248 -12.07 9.94 -11.27
C GLU A 248 -11.76 9.21 -9.97
N SER A 249 -10.71 9.65 -9.28
CA SER A 249 -10.37 9.14 -7.95
CA SER A 249 -10.38 9.11 -7.97
C SER A 249 -11.53 9.29 -6.98
N ARG A 250 -11.63 8.34 -6.04
CA ARG A 250 -12.68 8.38 -5.03
C ARG A 250 -12.11 8.05 -3.64
N ARG A 251 -11.23 8.90 -3.16
CA ARG A 251 -10.64 8.70 -1.84
CA ARG A 251 -10.63 8.72 -1.83
C ARG A 251 -11.69 8.79 -0.73
N ASP A 252 -12.77 9.53 -0.99
CA ASP A 252 -13.88 9.60 -0.05
C ASP A 252 -14.51 8.22 0.25
N VAL A 253 -14.50 7.32 -0.74
CA VAL A 253 -15.06 6.00 -0.56
C VAL A 253 -14.20 5.20 0.43
N LEU A 254 -12.88 5.38 0.35
CA LEU A 254 -11.99 4.72 1.30
C LEU A 254 -12.19 5.28 2.71
N ALA A 255 -12.36 6.59 2.82
CA ALA A 255 -12.64 7.22 4.11
C ALA A 255 -13.94 6.70 4.72
N SER A 256 -14.98 6.58 3.89
CA SER A 256 -16.25 6.06 4.35
CA SER A 256 -16.26 6.07 4.34
C SER A 256 -16.15 4.63 4.79
N ALA A 257 -15.41 3.81 4.04
CA ALA A 257 -15.23 2.40 4.41
C ALA A 257 -14.51 2.28 5.76
N ALA A 258 -13.48 3.11 5.95
CA ALA A 258 -12.71 3.11 7.21
C ALA A 258 -13.61 3.48 8.38
N LYS A 259 -14.47 4.48 8.18
CA LYS A 259 -15.39 4.89 9.22
C LYS A 259 -16.34 3.75 9.57
N ILE A 260 -16.92 3.14 8.55
CA ILE A 260 -17.87 2.06 8.75
C ILE A 260 -17.29 0.90 9.57
N VAL A 261 -16.06 0.51 9.28
CA VAL A 261 -15.49 -0.68 9.92
C VAL A 261 -14.85 -0.41 11.27
N THR A 262 -14.70 0.85 11.63
CA THR A 262 -14.10 1.22 12.93
C THR A 262 -15.11 1.87 13.87
N ASP A 263 -16.30 2.14 13.37
CA ASP A 263 -17.36 2.72 14.19
C ASP A 263 -17.66 1.84 15.39
N GLY A 264 -17.68 2.43 16.57
CA GLY A 264 -18.05 1.70 17.77
C GLY A 264 -16.90 0.88 18.38
N LEU A 265 -15.72 0.88 17.74
CA LEU A 265 -14.50 0.43 18.42
C LEU A 265 -14.32 1.24 19.68
#